data_2GG9
#
_entry.id   2GG9
#
_cell.length_a   39.131
_cell.length_b   63.290
_cell.length_c   52.513
_cell.angle_alpha   90.00
_cell.angle_beta   109.71
_cell.angle_gamma   90.00
#
_symmetry.space_group_name_H-M   'P 1 21 1'
#
loop_
_entity.id
_entity.type
_entity.pdbx_description
1 polymer 'Methionine aminopeptidase'
2 non-polymer 'COBALT (II) ION'
3 non-polymer 'SODIUM ION'
4 non-polymer 'METHYL N-[(2S,3R)-3-AMINO-2-HYDROXY-3-(4-ISOPROPYLPHENYL)PROPANOYL]-D-ALANYL-D-LEUCINATE'
5 water water
#
_entity_poly.entity_id   1
_entity_poly.type   'polypeptide(L)'
_entity_poly.pdbx_seq_one_letter_code
;AISIKTPEDIEKMRVAGRLAAEVLEMIEPYVKPGVSTGELDRICNDYIVNEQHAVSACLGYHGYPKSVCISINEVVCHGI
PDDAKLLKDGDIVNIDVTVIKDGFHGDTSKMFIVGKPTIMGERLCRITQESLYLALRMVKPGINLREIGAAIQKFVEAEG
FSVVREYCGHGIGRGFHEEPQVLHYDSRETNVVLKPGMTFTIEPMVNAGKKEIRTMKDGWTVKTKDRSLSAQYEHTIVVT
DNGCEILTLRKDDTIPAIISHDE
;
_entity_poly.pdbx_strand_id   A
#
loop_
_chem_comp.id
_chem_comp.type
_chem_comp.name
_chem_comp.formula
CO non-polymer 'COBALT (II) ION' 'Co 2'
NA non-polymer 'SODIUM ION' 'Na 1'
U16 non-polymer 'METHYL N-[(2S,3R)-3-AMINO-2-HYDROXY-3-(4-ISOPROPYLPHENYL)PROPANOYL]-D-ALANYL-D-LEUCINATE' 'C22 H35 N3 O5'
#
# COMPACT_ATOMS: atom_id res chain seq x y z
N ALA A 1 -2.65 -17.11 16.12
CA ALA A 1 -3.70 -17.96 15.49
C ALA A 1 -3.97 -17.50 14.07
N ILE A 2 -2.91 -17.30 13.29
CA ILE A 2 -3.01 -16.64 11.99
C ILE A 2 -3.64 -17.53 10.92
N SER A 3 -4.54 -16.93 10.16
CA SER A 3 -5.24 -17.56 9.03
C SER A 3 -4.29 -18.12 7.96
N ILE A 4 -4.51 -19.36 7.55
CA ILE A 4 -3.81 -19.98 6.41
C ILE A 4 -4.76 -20.20 5.24
N LYS A 5 -4.53 -19.53 4.11
CA LYS A 5 -5.42 -19.63 2.95
C LYS A 5 -5.22 -20.93 2.15
N THR A 6 -6.31 -21.49 1.65
CA THR A 6 -6.27 -22.63 0.74
C THR A 6 -5.87 -22.26 -0.68
N PRO A 7 -5.49 -23.23 -1.52
CA PRO A 7 -5.22 -22.87 -2.91
C PRO A 7 -6.39 -22.14 -3.58
N GLU A 8 -7.60 -22.57 -3.27
CA GLU A 8 -8.79 -21.94 -3.83
CA GLU A 8 -8.80 -21.94 -3.84
C GLU A 8 -8.96 -20.50 -3.33
N ASP A 9 -8.76 -20.28 -2.03
CA ASP A 9 -8.76 -18.92 -1.47
C ASP A 9 -7.66 -18.06 -2.11
N ILE A 10 -6.49 -18.65 -2.36
CA ILE A 10 -5.39 -17.89 -2.94
C ILE A 10 -5.72 -17.50 -4.36
N GLU A 11 -6.39 -18.38 -5.12
CA GLU A 11 -6.77 -18.00 -6.47
C GLU A 11 -7.73 -16.82 -6.41
N LYS A 12 -8.66 -16.82 -5.46
CA LYS A 12 -9.56 -15.67 -5.31
C LYS A 12 -8.81 -14.40 -4.90
N MET A 13 -7.75 -14.54 -4.10
CA MET A 13 -6.93 -13.38 -3.81
CA MET A 13 -6.87 -13.43 -3.78
C MET A 13 -6.07 -12.93 -4.98
N ARG A 14 -5.65 -13.83 -5.87
CA ARG A 14 -5.02 -13.42 -7.13
C ARG A 14 -5.98 -12.56 -7.93
N VAL A 15 -7.24 -12.95 -8.00
CA VAL A 15 -8.20 -12.19 -8.77
C VAL A 15 -8.40 -10.80 -8.17
N ALA A 16 -8.64 -10.76 -6.86
CA ALA A 16 -8.90 -9.46 -6.19
C ALA A 16 -7.67 -8.58 -6.22
N GLY A 17 -6.48 -9.17 -6.06
CA GLY A 17 -5.24 -8.39 -6.12
C GLY A 17 -5.01 -7.82 -7.50
N ARG A 18 -5.26 -8.61 -8.55
CA ARG A 18 -5.13 -8.12 -9.92
CA ARG A 18 -5.13 -8.11 -9.92
C ARG A 18 -6.09 -6.96 -10.14
N LEU A 19 -7.34 -7.08 -9.65
CA LEU A 19 -8.28 -5.97 -9.83
C LEU A 19 -7.76 -4.70 -9.16
N ALA A 20 -7.26 -4.82 -7.93
CA ALA A 20 -6.77 -3.62 -7.26
C ALA A 20 -5.60 -2.99 -8.02
N ALA A 21 -4.68 -3.81 -8.51
CA ALA A 21 -3.56 -3.33 -9.35
C ALA A 21 -4.08 -2.64 -10.60
N GLU A 22 -5.11 -3.24 -11.21
CA GLU A 22 -5.66 -2.71 -12.44
C GLU A 22 -6.32 -1.35 -12.25
N VAL A 23 -6.87 -1.07 -11.07
CA VAL A 23 -7.38 0.28 -10.80
C VAL A 23 -6.22 1.29 -10.92
N LEU A 24 -5.08 0.95 -10.32
CA LEU A 24 -3.90 1.85 -10.39
C LEU A 24 -3.37 1.99 -11.81
N GLU A 25 -3.39 0.91 -12.60
CA GLU A 25 -2.96 1.03 -13.99
CA GLU A 25 -2.97 0.98 -14.01
C GLU A 25 -3.93 1.86 -14.80
N MET A 26 -5.23 1.72 -14.53
CA MET A 26 -6.26 2.45 -15.24
C MET A 26 -6.18 3.96 -14.96
N ILE A 27 -5.93 4.33 -13.71
CA ILE A 27 -6.05 5.71 -13.31
C ILE A 27 -4.88 6.56 -13.79
N GLU A 28 -3.74 5.93 -14.08
CA GLU A 28 -2.53 6.65 -14.40
C GLU A 28 -2.68 7.79 -15.42
N PRO A 29 -3.30 7.55 -16.60
CA PRO A 29 -3.39 8.65 -17.58
C PRO A 29 -4.22 9.85 -17.15
N TYR A 30 -4.98 9.69 -16.06
CA TYR A 30 -5.79 10.77 -15.53
C TYR A 30 -5.04 11.59 -14.48
N VAL A 31 -3.93 11.08 -13.98
CA VAL A 31 -3.20 11.74 -12.89
C VAL A 31 -2.27 12.77 -13.53
N LYS A 32 -2.77 14.00 -13.65
CA LYS A 32 -2.11 15.04 -14.45
C LYS A 32 -2.38 16.38 -13.77
N PRO A 33 -1.52 17.39 -14.04
CA PRO A 33 -1.80 18.71 -13.47
C PRO A 33 -3.20 19.17 -13.84
N GLY A 34 -3.91 19.71 -12.85
CA GLY A 34 -5.22 20.29 -13.06
C GLY A 34 -6.39 19.39 -12.75
N VAL A 35 -6.19 18.07 -12.65
CA VAL A 35 -7.28 17.18 -12.31
C VAL A 35 -7.59 17.31 -10.82
N SER A 36 -8.84 17.15 -10.44
CA SER A 36 -9.17 17.14 -9.03
C SER A 36 -9.09 15.72 -8.45
N THR A 37 -8.79 15.63 -7.16
CA THR A 37 -8.76 14.32 -6.52
C THR A 37 -10.18 13.73 -6.42
N GLY A 38 -11.19 14.59 -6.31
CA GLY A 38 -12.57 14.14 -6.36
C GLY A 38 -12.89 13.41 -7.67
N GLU A 39 -12.42 13.96 -8.79
CA GLU A 39 -12.64 13.35 -10.08
CA GLU A 39 -12.64 13.34 -10.08
C GLU A 39 -11.92 11.99 -10.16
N LEU A 40 -10.68 11.94 -9.69
CA LEU A 40 -9.94 10.67 -9.71
C LEU A 40 -10.70 9.60 -8.94
N ASP A 41 -11.25 9.96 -7.77
CA ASP A 41 -12.01 9.01 -6.98
C ASP A 41 -13.27 8.51 -7.68
N ARG A 42 -13.99 9.40 -8.37
CA ARG A 42 -15.16 8.98 -9.13
C ARG A 42 -14.77 8.02 -10.27
N ILE A 43 -13.68 8.31 -10.95
CA ILE A 43 -13.21 7.45 -12.03
C ILE A 43 -12.90 6.06 -11.47
N CYS A 44 -12.21 6.02 -10.33
CA CYS A 44 -11.90 4.77 -9.69
C CYS A 44 -13.15 4.00 -9.25
N ASN A 45 -14.08 4.68 -8.59
CA ASN A 45 -15.24 3.97 -8.10
C ASN A 45 -16.10 3.44 -9.26
N ASP A 46 -16.28 4.28 -10.29
CA ASP A 46 -17.03 3.84 -11.47
C ASP A 46 -16.42 2.60 -12.10
N TYR A 47 -15.09 2.57 -12.16
CA TYR A 47 -14.38 1.44 -12.73
C TYR A 47 -14.57 0.18 -11.90
N ILE A 48 -14.35 0.30 -10.59
CA ILE A 48 -14.49 -0.81 -9.66
C ILE A 48 -15.90 -1.42 -9.75
N VAL A 49 -16.92 -0.57 -9.67
CA VAL A 49 -18.31 -1.05 -9.63
C VAL A 49 -18.79 -1.47 -11.02
N ASN A 50 -18.61 -0.63 -12.02
CA ASN A 50 -19.25 -0.87 -13.32
C ASN A 50 -18.45 -1.75 -14.28
N GLU A 51 -17.13 -1.75 -14.17
CA GLU A 51 -16.31 -2.56 -15.05
C GLU A 51 -15.78 -3.81 -14.37
N GLN A 52 -15.30 -3.67 -13.14
CA GLN A 52 -14.76 -4.82 -12.43
C GLN A 52 -15.82 -5.65 -11.74
N HIS A 53 -17.00 -5.08 -11.55
CA HIS A 53 -18.07 -5.74 -10.80
C HIS A 53 -17.59 -6.15 -9.41
N ALA A 54 -16.93 -5.20 -8.75
CA ALA A 54 -16.38 -5.37 -7.41
C ALA A 54 -16.86 -4.19 -6.54
N VAL A 55 -16.37 -4.10 -5.31
N VAL A 55 -16.40 -4.11 -5.30
CA VAL A 55 -16.73 -3.01 -4.40
CA VAL A 55 -16.72 -2.95 -4.45
C VAL A 55 -15.46 -2.45 -3.77
C VAL A 55 -15.48 -2.47 -3.72
N SER A 56 -15.47 -1.16 -3.47
CA SER A 56 -14.41 -0.56 -2.65
C SER A 56 -14.57 -1.01 -1.20
N ALA A 57 -13.48 -1.50 -0.60
CA ALA A 57 -13.49 -1.83 0.82
C ALA A 57 -13.44 -0.61 1.73
N CYS A 58 -12.98 0.54 1.22
CA CYS A 58 -12.86 1.74 2.04
C CYS A 58 -14.19 2.50 2.22
N LEU A 59 -15.07 2.42 1.22
CA LEU A 59 -16.29 3.23 1.23
C LEU A 59 -17.22 2.75 2.36
N GLY A 60 -17.47 3.63 3.32
CA GLY A 60 -18.26 3.35 4.51
C GLY A 60 -17.53 2.71 5.67
N TYR A 61 -16.27 2.33 5.44
CA TYR A 61 -15.48 1.64 6.46
CA TYR A 61 -15.48 1.63 6.45
C TYR A 61 -15.15 2.63 7.57
N HIS A 62 -15.70 2.36 8.76
CA HIS A 62 -15.62 3.30 9.87
C HIS A 62 -16.12 4.68 9.49
N GLY A 63 -17.00 4.70 8.49
CA GLY A 63 -17.59 5.94 8.02
C GLY A 63 -16.81 6.66 6.94
N TYR A 64 -15.72 6.09 6.44
CA TYR A 64 -14.91 6.76 5.42
C TYR A 64 -15.77 7.09 4.19
N PRO A 65 -15.75 8.33 3.73
CA PRO A 65 -16.78 8.76 2.76
C PRO A 65 -16.52 8.53 1.27
N LYS A 66 -15.33 8.09 0.89
CA LYS A 66 -14.92 7.98 -0.50
C LYS A 66 -14.46 6.55 -0.81
N SER A 67 -14.08 6.31 -2.04
CA SER A 67 -13.81 4.94 -2.46
CA SER A 67 -13.81 4.97 -2.55
C SER A 67 -12.34 4.58 -2.46
N VAL A 68 -11.46 5.58 -2.62
CA VAL A 68 -10.02 5.40 -2.52
C VAL A 68 -9.49 6.52 -1.62
N CYS A 69 -8.24 6.39 -1.18
CA CYS A 69 -7.55 7.46 -0.45
C CYS A 69 -6.50 8.05 -1.37
N ILE A 70 -6.46 9.37 -1.41
CA ILE A 70 -5.53 10.09 -2.29
C ILE A 70 -4.79 11.10 -1.41
N SER A 71 -3.52 10.83 -1.19
CA SER A 71 -2.71 11.55 -0.21
C SER A 71 -1.60 12.32 -0.95
N ILE A 72 -1.54 13.63 -0.80
CA ILE A 72 -0.62 14.48 -1.54
C ILE A 72 0.44 15.08 -0.61
N ASN A 73 1.70 14.98 -1.00
CA ASN A 73 2.81 15.72 -0.35
C ASN A 73 2.95 15.40 1.14
N GLU A 74 2.73 16.35 2.02
CA GLU A 74 2.88 16.13 3.46
C GLU A 74 1.76 15.28 4.06
N VAL A 75 0.70 14.98 3.31
CA VAL A 75 -0.30 14.02 3.77
C VAL A 75 0.31 12.62 3.74
N VAL A 76 0.31 11.98 4.90
CA VAL A 76 0.88 10.64 5.10
C VAL A 76 -0.05 9.56 4.59
N CYS A 77 -1.34 9.69 4.91
CA CYS A 77 -2.33 8.68 4.56
C CYS A 77 -3.72 9.24 4.80
N HIS A 78 -4.69 8.55 4.21
CA HIS A 78 -6.12 8.79 4.43
C HIS A 78 -6.56 10.13 3.87
N GLY A 79 -5.84 10.65 2.87
CA GLY A 79 -6.29 11.86 2.19
C GLY A 79 -7.64 11.63 1.54
N ILE A 80 -8.55 12.57 1.74
CA ILE A 80 -9.93 12.42 1.26
C ILE A 80 -10.08 13.10 -0.09
N PRO A 81 -10.45 12.35 -1.13
CA PRO A 81 -10.74 12.97 -2.42
C PRO A 81 -11.70 14.14 -2.30
N ASP A 82 -11.42 15.21 -3.04
CA ASP A 82 -12.07 16.52 -2.90
C ASP A 82 -12.15 17.16 -4.29
N ASP A 83 -13.34 17.57 -4.70
CA ASP A 83 -13.50 18.19 -6.00
C ASP A 83 -12.72 19.49 -6.16
N ALA A 84 -12.40 20.14 -5.05
CA ALA A 84 -11.71 21.42 -5.11
C ALA A 84 -10.20 21.29 -5.16
N LYS A 85 -9.67 20.09 -4.91
CA LYS A 85 -8.24 19.92 -4.75
C LYS A 85 -7.61 19.47 -6.06
N LEU A 86 -6.84 20.37 -6.66
CA LEU A 86 -6.26 20.10 -7.97
CA LEU A 86 -6.25 20.14 -7.99
C LEU A 86 -4.82 19.69 -7.81
N LEU A 87 -4.43 18.69 -8.57
CA LEU A 87 -3.03 18.30 -8.62
C LEU A 87 -2.22 19.36 -9.36
N LYS A 88 -0.96 19.48 -8.96
CA LYS A 88 -0.09 20.47 -9.58
C LYS A 88 1.31 19.92 -9.76
N ASP A 89 2.05 20.61 -10.63
CA ASP A 89 3.44 20.30 -10.93
CA ASP A 89 3.41 20.22 -10.92
C ASP A 89 4.23 20.03 -9.66
N GLY A 90 4.95 18.92 -9.64
CA GLY A 90 5.83 18.56 -8.55
C GLY A 90 5.17 17.78 -7.43
N ASP A 91 3.85 17.69 -7.41
CA ASP A 91 3.18 16.94 -6.33
C ASP A 91 3.58 15.46 -6.36
N ILE A 92 3.74 14.88 -5.19
CA ILE A 92 3.79 13.43 -5.04
C ILE A 92 2.44 13.01 -4.47
N VAL A 93 1.87 11.96 -5.06
CA VAL A 93 0.49 11.58 -4.79
C VAL A 93 0.42 10.07 -4.59
N ASN A 94 -0.07 9.64 -3.44
CA ASN A 94 -0.38 8.22 -3.23
C ASN A 94 -1.84 8.00 -3.55
N ILE A 95 -2.13 6.96 -4.31
CA ILE A 95 -3.50 6.45 -4.43
C ILE A 95 -3.48 5.04 -3.87
N ASP A 96 -4.31 4.84 -2.85
CA ASP A 96 -4.41 3.57 -2.13
C ASP A 96 -5.79 3.00 -2.41
N VAL A 97 -5.80 1.80 -2.97
CA VAL A 97 -7.00 1.09 -3.44
C VAL A 97 -7.17 -0.21 -2.66
N THR A 98 -8.40 -0.48 -2.24
CA THR A 98 -8.71 -1.82 -1.78
C THR A 98 -10.06 -2.22 -2.37
N VAL A 99 -10.05 -3.34 -3.08
CA VAL A 99 -11.31 -3.87 -3.60
CA VAL A 99 -11.22 -3.93 -3.74
C VAL A 99 -11.61 -5.21 -3.00
N ILE A 100 -12.91 -5.51 -2.94
CA ILE A 100 -13.42 -6.81 -2.54
C ILE A 100 -14.08 -7.44 -3.77
N LYS A 101 -13.68 -8.67 -4.08
CA LYS A 101 -14.25 -9.43 -5.17
C LYS A 101 -14.37 -10.89 -4.75
N ASP A 102 -15.58 -11.44 -4.87
CA ASP A 102 -15.83 -12.86 -4.58
C ASP A 102 -15.41 -13.12 -3.14
N GLY A 103 -15.62 -12.13 -2.27
CA GLY A 103 -15.38 -12.25 -0.84
C GLY A 103 -13.99 -11.92 -0.35
N PHE A 104 -13.05 -11.69 -1.26
CA PHE A 104 -11.65 -11.49 -0.88
C PHE A 104 -11.15 -10.09 -1.21
N HIS A 105 -10.22 -9.59 -0.39
CA HIS A 105 -9.69 -8.24 -0.52
C HIS A 105 -8.33 -8.23 -1.25
N GLY A 106 -8.13 -7.18 -2.05
CA GLY A 106 -6.81 -6.86 -2.63
C GLY A 106 -6.51 -5.41 -2.31
N ASP A 107 -5.34 -5.15 -1.72
CA ASP A 107 -5.01 -3.85 -1.12
C ASP A 107 -3.62 -3.43 -1.64
N THR A 108 -3.56 -2.28 -2.31
CA THR A 108 -2.30 -1.83 -2.90
C THR A 108 -2.32 -0.33 -3.12
N SER A 109 -1.13 0.25 -3.13
CA SER A 109 -1.01 1.68 -3.38
C SER A 109 0.31 1.95 -4.08
N LYS A 110 0.37 3.09 -4.75
CA LYS A 110 1.60 3.56 -5.35
C LYS A 110 1.64 5.06 -5.35
N MET A 111 2.85 5.58 -5.53
CA MET A 111 3.08 7.00 -5.74
C MET A 111 3.07 7.34 -7.21
N PHE A 112 2.49 8.50 -7.50
CA PHE A 112 2.55 9.16 -8.80
C PHE A 112 3.20 10.52 -8.57
N ILE A 113 4.11 10.89 -9.44
CA ILE A 113 4.65 12.24 -9.42
C ILE A 113 4.04 13.01 -10.58
N VAL A 114 3.49 14.18 -10.25
CA VAL A 114 2.76 14.96 -11.23
C VAL A 114 3.70 15.94 -11.92
N GLY A 115 3.68 15.95 -13.25
CA GLY A 115 4.52 16.90 -13.99
C GLY A 115 6.00 16.70 -13.72
N LYS A 116 6.76 17.78 -13.61
CA LYS A 116 8.22 17.67 -13.40
C LYS A 116 8.48 17.29 -11.94
N PRO A 117 9.15 16.16 -11.68
CA PRO A 117 9.46 15.87 -10.30
C PRO A 117 10.35 16.91 -9.66
N THR A 118 10.16 17.12 -8.36
CA THR A 118 11.21 17.68 -7.54
C THR A 118 12.18 16.55 -7.20
N ILE A 119 13.45 16.89 -7.06
CA ILE A 119 14.47 15.89 -6.80
C ILE A 119 14.18 15.19 -5.47
N MET A 120 13.82 15.94 -4.44
CA MET A 120 13.56 15.32 -3.16
C MET A 120 12.31 14.43 -3.22
N GLY A 121 11.27 14.85 -3.93
CA GLY A 121 10.07 14.01 -4.02
C GLY A 121 10.38 12.71 -4.72
N GLU A 122 11.14 12.81 -5.81
CA GLU A 122 11.52 11.63 -6.53
C GLU A 122 12.36 10.68 -5.66
N ARG A 123 13.34 11.23 -4.93
CA ARG A 123 14.19 10.41 -4.08
C ARG A 123 13.38 9.73 -2.98
N LEU A 124 12.49 10.48 -2.36
CA LEU A 124 11.66 9.93 -1.28
C LEU A 124 10.82 8.78 -1.82
N CYS A 125 10.17 8.98 -2.96
CA CYS A 125 9.34 7.91 -3.52
C CYS A 125 10.20 6.70 -3.85
N ARG A 126 11.37 6.92 -4.43
CA ARG A 126 12.25 5.83 -4.82
C ARG A 126 12.67 5.00 -3.60
N ILE A 127 13.13 5.67 -2.56
CA ILE A 127 13.58 4.97 -1.35
C ILE A 127 12.41 4.23 -0.73
N THR A 128 11.21 4.82 -0.75
CA THR A 128 10.07 4.14 -0.17
C THR A 128 9.77 2.85 -0.93
N GLN A 129 9.74 2.91 -2.26
CA GLN A 129 9.50 1.68 -3.02
C GLN A 129 10.59 0.66 -2.80
N GLU A 130 11.84 1.13 -2.74
CA GLU A 130 12.97 0.25 -2.50
CA GLU A 130 12.93 0.19 -2.51
C GLU A 130 12.85 -0.46 -1.15
N SER A 131 12.32 0.25 -0.16
CA SER A 131 12.13 -0.35 1.16
C SER A 131 11.08 -1.44 1.13
N LEU A 132 10.01 -1.23 0.36
CA LEU A 132 9.02 -2.28 0.15
C LEU A 132 9.64 -3.47 -0.57
N TYR A 133 10.41 -3.21 -1.62
CA TYR A 133 11.00 -4.29 -2.38
C TYR A 133 11.99 -5.11 -1.56
N LEU A 134 12.81 -4.45 -0.75
CA LEU A 134 13.76 -5.21 0.06
C LEU A 134 13.01 -6.10 1.05
N ALA A 135 11.90 -5.61 1.59
CA ALA A 135 11.07 -6.43 2.48
C ALA A 135 10.49 -7.63 1.73
N LEU A 136 9.97 -7.40 0.53
CA LEU A 136 9.39 -8.49 -0.25
C LEU A 136 10.43 -9.57 -0.53
N ARG A 137 11.68 -9.19 -0.79
CA ARG A 137 12.74 -10.14 -1.07
CA ARG A 137 12.72 -10.17 -1.08
C ARG A 137 13.10 -11.02 0.13
N MET A 138 12.69 -10.60 1.32
CA MET A 138 12.93 -11.37 2.54
C MET A 138 11.84 -12.37 2.90
N VAL A 139 10.65 -12.21 2.33
CA VAL A 139 9.50 -13.04 2.71
C VAL A 139 9.67 -14.49 2.21
N LYS A 140 9.68 -15.41 3.16
CA LYS A 140 9.69 -16.84 2.87
C LYS A 140 9.31 -17.58 4.15
N PRO A 141 8.88 -18.85 4.05
CA PRO A 141 8.62 -19.57 5.26
C PRO A 141 9.83 -19.56 6.18
N GLY A 142 9.56 -19.37 7.46
CA GLY A 142 10.58 -19.52 8.48
C GLY A 142 11.19 -18.20 8.85
N ILE A 143 11.03 -17.16 8.03
CA ILE A 143 11.55 -15.85 8.39
C ILE A 143 10.56 -15.25 9.39
N ASN A 144 11.10 -14.42 10.29
CA ASN A 144 10.29 -13.69 11.23
C ASN A 144 9.95 -12.30 10.71
N LEU A 145 8.70 -11.89 10.91
CA LEU A 145 8.32 -10.53 10.56
C LEU A 145 9.20 -9.50 11.26
N ARG A 146 9.74 -9.83 12.43
CA ARG A 146 10.60 -8.85 13.08
C ARG A 146 11.80 -8.46 12.21
N GLU A 147 12.39 -9.44 11.53
CA GLU A 147 13.58 -9.21 10.71
C GLU A 147 13.25 -8.27 9.57
N ILE A 148 12.04 -8.39 9.05
CA ILE A 148 11.61 -7.57 7.92
C ILE A 148 11.39 -6.12 8.36
N GLY A 149 10.70 -5.93 9.47
CA GLY A 149 10.51 -4.57 10.00
C GLY A 149 11.83 -3.86 10.28
N ALA A 150 12.74 -4.57 10.93
CA ALA A 150 14.05 -4.01 11.24
C ALA A 150 14.80 -3.60 9.98
N ALA A 151 14.70 -4.41 8.93
CA ALA A 151 15.42 -4.12 7.69
C ALA A 151 14.86 -2.90 6.98
N ILE A 152 13.54 -2.73 6.98
CA ILE A 152 12.94 -1.54 6.37
C ILE A 152 13.46 -0.29 7.07
N GLN A 153 13.40 -0.31 8.39
CA GLN A 153 13.80 0.87 9.16
C GLN A 153 15.27 1.21 8.96
N LYS A 154 16.13 0.20 8.97
CA LYS A 154 17.56 0.43 8.78
C LYS A 154 17.83 1.11 7.45
N PHE A 155 17.18 0.61 6.41
CA PHE A 155 17.38 1.11 5.05
C PHE A 155 16.91 2.56 4.95
N VAL A 156 15.72 2.84 5.45
CA VAL A 156 15.11 4.16 5.33
C VAL A 156 15.93 5.19 6.12
N GLU A 157 16.30 4.82 7.34
CA GLU A 157 17.01 5.78 8.21
C GLU A 157 18.40 6.11 7.66
N ALA A 158 19.04 5.17 6.96
CA ALA A 158 20.35 5.44 6.38
C ALA A 158 20.26 6.55 5.31
N GLU A 159 19.08 6.78 4.73
CA GLU A 159 18.85 7.84 3.74
C GLU A 159 18.48 9.18 4.36
N GLY A 160 18.45 9.24 5.68
CA GLY A 160 18.06 10.45 6.37
C GLY A 160 16.57 10.63 6.44
N PHE A 161 15.80 9.57 6.19
CA PHE A 161 14.34 9.61 6.22
C PHE A 161 13.88 8.86 7.48
N SER A 162 12.58 8.89 7.74
CA SER A 162 12.05 8.25 8.93
C SER A 162 10.85 7.38 8.57
N VAL A 163 10.56 6.42 9.44
CA VAL A 163 9.47 5.48 9.25
C VAL A 163 8.30 5.82 10.18
N VAL A 164 7.13 6.01 9.62
CA VAL A 164 5.93 6.24 10.43
C VAL A 164 5.60 4.98 11.24
N ARG A 165 5.38 5.16 12.54
CA ARG A 165 5.13 4.01 13.43
C ARG A 165 3.69 3.49 13.38
N GLU A 166 2.75 4.40 13.14
N GLU A 166 2.74 4.39 13.15
CA GLU A 166 1.35 4.25 13.54
CA GLU A 166 1.32 4.04 13.05
C GLU A 166 0.49 3.33 12.67
C GLU A 166 0.93 3.40 11.71
N TYR A 167 0.79 3.15 11.37
N TYR A 167 -0.29 2.84 11.69
CA TYR A 167 -0.21 2.61 10.43
CA TYR A 167 -0.97 2.41 10.44
C TYR A 167 0.16 1.37 9.63
C TYR A 167 -0.11 1.39 9.70
N CYS A 168 0.52 0.32 10.35
N CYS A 168 0.03 0.19 10.26
CA CYS A 168 1.25 -0.83 9.82
CA CYS A 168 0.99 -0.82 9.81
C CYS A 168 0.50 -1.69 8.81
C CYS A 168 0.43 -1.64 8.66
N GLY A 169 1.26 -2.52 8.08
CA GLY A 169 0.72 -3.55 7.21
C GLY A 169 -0.06 -4.57 8.03
N HIS A 170 -0.72 -5.48 7.35
CA HIS A 170 -1.75 -6.29 8.00
C HIS A 170 -2.05 -7.55 7.22
N GLY A 171 -2.41 -8.60 7.97
CA GLY A 171 -3.11 -9.71 7.34
C GLY A 171 -4.34 -9.23 6.60
N ILE A 172 -4.74 -10.02 5.61
CA ILE A 172 -5.82 -9.65 4.72
C ILE A 172 -6.41 -10.92 4.11
N GLY A 173 -7.72 -10.91 3.83
CA GLY A 173 -8.34 -12.09 3.22
C GLY A 173 -9.80 -11.82 3.03
N ARG A 174 -10.66 -12.62 3.66
CA ARG A 174 -12.06 -12.24 3.75
C ARG A 174 -12.31 -11.01 4.60
N GLY A 175 -11.40 -10.74 5.54
CA GLY A 175 -11.39 -9.50 6.30
C GLY A 175 -10.37 -8.52 5.74
N PHE A 176 -10.68 -7.24 5.82
CA PHE A 176 -9.81 -6.18 5.35
C PHE A 176 -8.50 -6.18 6.17
N HIS A 177 -8.66 -6.23 7.49
CA HIS A 177 -7.56 -6.26 8.43
C HIS A 177 -7.68 -7.49 9.31
N GLU A 178 -6.66 -8.32 9.22
CA GLU A 178 -6.58 -9.57 9.95
C GLU A 178 -5.20 -9.62 10.58
N GLU A 179 -5.04 -10.50 11.56
CA GLU A 179 -3.70 -10.80 12.06
C GLU A 179 -2.84 -11.34 10.92
N PRO A 180 -1.54 -11.06 10.95
CA PRO A 180 -0.78 -10.29 11.93
C PRO A 180 -0.69 -8.80 11.61
N GLN A 181 -0.21 -8.05 12.60
CA GLN A 181 0.34 -6.71 12.32
C GLN A 181 1.68 -6.87 11.64
N VAL A 182 1.92 -6.05 10.63
CA VAL A 182 3.20 -6.04 9.90
C VAL A 182 3.85 -4.69 10.14
N LEU A 183 4.65 -4.60 11.20
CA LEU A 183 5.33 -3.36 11.52
C LEU A 183 6.45 -3.08 10.52
N HIS A 184 6.67 -1.80 10.24
CA HIS A 184 7.72 -1.38 9.31
C HIS A 184 8.97 -0.89 10.03
N TYR A 185 9.12 -1.33 11.28
CA TYR A 185 10.25 -0.96 12.10
C TYR A 185 10.51 -2.08 13.10
N ASP A 186 11.68 -2.07 13.73
CA ASP A 186 12.03 -3.14 14.66
C ASP A 186 11.28 -3.05 15.98
N SER A 187 10.72 -4.16 16.44
CA SER A 187 10.10 -4.26 17.76
C SER A 187 10.34 -5.62 18.40
N ARG A 188 10.72 -5.63 19.67
CA ARG A 188 10.87 -6.87 20.42
CA ARG A 188 10.86 -6.86 20.43
C ARG A 188 9.54 -7.59 20.61
N GLU A 189 8.44 -6.89 20.44
CA GLU A 189 7.14 -7.54 20.48
C GLU A 189 6.86 -8.46 19.30
N THR A 190 7.55 -8.23 18.19
CA THR A 190 7.20 -8.94 16.98
C THR A 190 7.83 -10.33 17.01
N ASN A 191 6.99 -11.35 16.95
CA ASN A 191 7.46 -12.73 16.80
CA ASN A 191 7.45 -12.74 16.83
C ASN A 191 6.47 -13.55 15.99
N VAL A 192 6.57 -13.44 14.66
CA VAL A 192 5.67 -14.12 13.73
C VAL A 192 6.54 -14.79 12.70
N VAL A 193 6.56 -16.12 12.77
CA VAL A 193 7.28 -16.92 11.82
C VAL A 193 6.34 -17.22 10.68
N LEU A 194 6.74 -16.80 9.49
CA LEU A 194 5.90 -16.97 8.35
C LEU A 194 5.74 -18.42 8.00
N LYS A 195 4.53 -18.69 7.53
CA LYS A 195 4.13 -20.00 7.08
C LYS A 195 3.54 -19.85 5.68
N PRO A 196 3.71 -20.88 4.83
CA PRO A 196 3.05 -20.85 3.52
C PRO A 196 1.54 -20.67 3.69
N GLY A 197 0.97 -19.84 2.83
CA GLY A 197 -0.47 -19.61 2.80
C GLY A 197 -0.95 -18.43 3.64
N MET A 198 -0.04 -17.82 4.41
CA MET A 198 -0.35 -16.53 5.03
C MET A 198 -0.42 -15.47 3.94
N THR A 199 -1.39 -14.58 4.08
CA THR A 199 -1.53 -13.43 3.18
C THR A 199 -1.58 -12.13 3.98
N PHE A 200 -0.78 -11.16 3.55
CA PHE A 200 -0.69 -9.90 4.26
C PHE A 200 -0.15 -8.84 3.33
N THR A 201 -0.24 -7.59 3.81
CA THR A 201 0.32 -6.46 3.10
C THR A 201 1.57 -5.95 3.81
N ILE A 202 2.38 -5.27 3.01
CA ILE A 202 3.50 -4.47 3.52
C ILE A 202 3.26 -3.07 2.92
N GLU A 203 3.28 -2.03 3.73
CA GLU A 203 2.86 -0.69 3.28
C GLU A 203 3.61 0.43 3.99
N PRO A 204 4.94 0.46 3.87
CA PRO A 204 5.70 1.47 4.60
C PRO A 204 5.35 2.90 4.19
N MET A 205 5.20 3.75 5.20
CA MET A 205 5.10 5.20 5.03
C MET A 205 6.39 5.80 5.54
N VAL A 206 7.01 6.60 4.67
CA VAL A 206 8.33 7.15 4.89
C VAL A 206 8.25 8.66 4.78
N ASN A 207 8.76 9.35 5.80
CA ASN A 207 8.77 10.81 5.81
C ASN A 207 10.17 11.31 5.49
N ALA A 208 10.25 12.42 4.75
CA ALA A 208 11.53 13.04 4.47
C ALA A 208 12.14 13.66 5.74
N GLY A 209 11.27 14.12 6.62
CA GLY A 209 11.68 14.70 7.89
C GLY A 209 11.50 13.72 9.02
N LYS A 210 10.89 14.22 10.09
CA LYS A 210 10.74 13.45 11.32
C LYS A 210 9.55 12.51 11.25
N LYS A 211 9.56 11.52 12.13
CA LYS A 211 8.60 10.42 12.07
C LYS A 211 7.21 10.78 12.55
N GLU A 212 7.09 11.83 13.37
CA GLU A 212 5.83 12.13 14.00
C GLU A 212 4.78 12.61 13.03
N ILE A 213 3.54 12.24 13.33
CA ILE A 213 2.40 12.58 12.50
C ILE A 213 1.31 13.24 13.34
N ARG A 214 0.31 13.75 12.63
CA ARG A 214 -0.79 14.48 13.22
C ARG A 214 -2.07 14.21 12.42
N THR A 215 -3.18 13.95 13.08
CA THR A 215 -4.45 13.81 12.40
C THR A 215 -5.15 15.16 12.40
N MET A 216 -5.66 15.52 11.25
CA MET A 216 -6.34 16.78 11.07
C MET A 216 -7.72 16.78 11.72
N LYS A 217 -8.31 17.95 11.81
CA LYS A 217 -9.61 18.08 12.48
C LYS A 217 -10.76 17.47 11.70
N ASP A 218 -10.53 17.13 10.44
CA ASP A 218 -11.57 16.46 9.66
C ASP A 218 -11.75 15.02 10.12
N GLY A 219 -10.90 14.58 11.04
CA GLY A 219 -10.99 13.26 11.62
C GLY A 219 -10.42 12.14 10.77
N TRP A 220 -9.85 12.45 9.61
CA TRP A 220 -9.32 11.42 8.69
C TRP A 220 -7.88 11.72 8.24
N THR A 221 -7.64 12.93 7.75
CA THR A 221 -6.40 13.22 7.05
C THR A 221 -5.21 13.18 8.03
N VAL A 222 -4.15 12.46 7.70
CA VAL A 222 -2.97 12.37 8.55
C VAL A 222 -1.84 13.09 7.83
N LYS A 223 -1.15 14.01 8.50
CA LYS A 223 -0.03 14.76 7.93
C LYS A 223 1.21 14.54 8.76
N THR A 224 2.38 14.80 8.17
CA THR A 224 3.59 14.88 8.95
C THR A 224 3.51 16.06 9.92
N LYS A 225 3.97 15.87 11.15
CA LYS A 225 3.97 16.96 12.12
C LYS A 225 4.83 18.13 11.64
N ASP A 226 5.94 17.84 10.97
CA ASP A 226 6.86 18.86 10.52
C ASP A 226 6.59 19.36 9.11
N ARG A 227 5.51 18.86 8.49
CA ARG A 227 5.11 19.22 7.13
C ARG A 227 6.12 18.82 6.06
N SER A 228 6.99 17.88 6.39
CA SER A 228 7.85 17.27 5.38
C SER A 228 7.02 16.35 4.48
N LEU A 229 7.58 16.05 3.32
CA LEU A 229 6.93 15.11 2.41
C LEU A 229 6.87 13.72 3.00
N SER A 230 5.87 12.95 2.60
CA SER A 230 5.69 11.56 3.01
C SER A 230 5.26 10.73 1.80
N ALA A 231 5.76 9.50 1.71
CA ALA A 231 5.43 8.59 0.60
C ALA A 231 5.14 7.21 1.14
N GLN A 232 4.37 6.45 0.36
CA GLN A 232 3.97 5.09 0.71
C GLN A 232 3.81 4.28 -0.58
N TYR A 233 4.16 2.99 -0.46
CA TYR A 233 3.78 1.97 -1.46
C TYR A 233 3.28 0.75 -0.69
N GLU A 234 2.37 -0.01 -1.30
CA GLU A 234 1.79 -1.20 -0.67
C GLU A 234 1.59 -2.30 -1.70
N HIS A 235 1.87 -3.53 -1.29
CA HIS A 235 1.48 -4.74 -2.03
C HIS A 235 0.84 -5.72 -1.07
N THR A 236 -0.08 -6.52 -1.61
CA THR A 236 -0.61 -7.72 -0.94
C THR A 236 0.15 -8.92 -1.48
N ILE A 237 0.55 -9.80 -0.57
CA ILE A 237 1.29 -10.99 -0.99
CA ILE A 237 1.35 -10.98 -0.90
C ILE A 237 0.78 -12.24 -0.30
N VAL A 238 1.18 -13.38 -0.87
CA VAL A 238 0.99 -14.69 -0.23
C VAL A 238 2.38 -15.30 -0.04
N VAL A 239 2.58 -15.89 1.12
CA VAL A 239 3.78 -16.66 1.41
C VAL A 239 3.66 -18.01 0.70
N THR A 240 4.68 -18.38 -0.07
CA THR A 240 4.71 -19.64 -0.82
C THR A 240 5.65 -20.62 -0.12
N ASP A 241 5.81 -21.82 -0.66
CA ASP A 241 6.69 -22.79 -0.02
C ASP A 241 8.14 -22.35 0.00
N ASN A 242 8.55 -21.47 -0.92
CA ASN A 242 9.95 -21.04 -0.91
C ASN A 242 10.15 -19.55 -1.09
N GLY A 243 9.14 -18.76 -0.80
CA GLY A 243 9.27 -17.34 -1.00
C GLY A 243 7.95 -16.65 -0.88
N CYS A 244 7.63 -15.81 -1.85
CA CYS A 244 6.30 -15.19 -1.86
C CYS A 244 5.88 -14.94 -3.30
N GLU A 245 4.60 -14.63 -3.42
CA GLU A 245 4.01 -14.22 -4.69
C GLU A 245 3.29 -12.91 -4.43
N ILE A 246 3.56 -11.92 -5.28
CA ILE A 246 3.00 -10.58 -5.13
C ILE A 246 1.69 -10.55 -5.90
N LEU A 247 0.59 -10.40 -5.18
CA LEU A 247 -0.75 -10.54 -5.77
C LEU A 247 -1.23 -9.27 -6.46
N THR A 248 -0.62 -8.13 -6.14
CA THR A 248 -1.03 -6.82 -6.66
C THR A 248 0.04 -6.24 -7.60
N LEU A 249 0.86 -7.07 -8.24
CA LEU A 249 1.89 -6.57 -9.13
C LEU A 249 1.29 -5.83 -10.32
N ARG A 250 1.92 -4.72 -10.69
CA ARG A 250 1.58 -3.98 -11.90
C ARG A 250 2.66 -4.13 -12.95
N LYS A 251 2.32 -3.78 -14.19
CA LYS A 251 3.31 -3.76 -15.26
C LYS A 251 4.50 -2.85 -14.92
N ASP A 252 4.31 -1.75 -14.19
CA ASP A 252 5.41 -0.83 -13.87
CA ASP A 252 5.44 -0.88 -13.92
C ASP A 252 6.24 -1.28 -12.68
N ASP A 253 5.83 -2.30 -11.95
CA ASP A 253 6.73 -2.86 -10.92
C ASP A 253 7.96 -3.43 -11.60
N THR A 254 9.06 -3.44 -10.88
CA THR A 254 10.36 -3.89 -11.40
C THR A 254 10.97 -4.98 -10.52
N ILE A 255 10.10 -5.71 -9.84
CA ILE A 255 10.43 -6.90 -9.08
C ILE A 255 9.57 -8.03 -9.62
N PRO A 256 10.10 -9.26 -9.65
CA PRO A 256 9.31 -10.38 -10.16
C PRO A 256 8.09 -10.68 -9.32
N ALA A 257 7.04 -11.16 -9.98
CA ALA A 257 5.82 -11.56 -9.31
C ALA A 257 6.04 -12.69 -8.32
N ILE A 258 6.85 -13.65 -8.72
CA ILE A 258 7.14 -14.79 -7.87
C ILE A 258 8.61 -14.74 -7.53
N ILE A 259 8.86 -14.67 -6.23
CA ILE A 259 10.21 -14.61 -5.70
C ILE A 259 10.51 -15.95 -5.06
N SER A 260 11.53 -16.66 -5.55
CA SER A 260 11.84 -18.01 -5.08
CA SER A 260 11.83 -18.01 -5.09
C SER A 260 13.21 -18.07 -4.46
N HIS A 261 13.31 -18.63 -3.25
CA HIS A 261 14.61 -18.79 -2.59
C HIS A 261 15.20 -20.19 -2.68
N ASP A 262 14.67 -20.98 -3.59
CA ASP A 262 15.12 -22.36 -3.74
C ASP A 262 16.22 -22.45 -4.78
N GLU A 263 17.08 -23.45 -4.61
CA GLU A 263 18.10 -23.73 -5.60
C GLU A 263 17.55 -24.55 -6.77
CO CO B . -3.52 -1.99 3.71
CO CO C . -4.11 0.13 1.22
NA NA D . 2.42 12.20 1.09
O31 U16 E . -4.72 -0.96 5.50
C25 U16 E . -4.66 0.25 5.36
C23 U16 E . -4.64 0.80 3.97
C11 U16 E . -6.07 0.67 3.39
C7 U16 E . -6.98 1.62 4.11
C3 U16 E . -6.94 2.98 3.83
C6 U16 E . -7.77 3.85 4.50
C5 U16 E . -8.63 3.38 5.49
C9 U16 E . -9.53 4.28 6.22
C14 U16 E . -10.93 4.08 5.68
C15 U16 E . -9.17 5.72 6.04
C2 U16 E . -8.69 2.03 5.81
C4 U16 E . -7.85 1.17 5.12
N24 U16 E . -6.03 0.76 1.92
O27 U16 E . -3.70 -0.02 3.21
N32 U16 E . -4.68 1.12 6.36
C33 U16 E . -4.75 0.69 7.75
C37 U16 E . -3.38 0.32 8.28
C36 U16 E . -5.30 1.79 8.60
O41 U16 E . -5.06 2.96 8.38
N42 U16 E . -6.04 1.43 9.65
C43 U16 E . -6.57 2.37 10.59
C45 U16 E . -7.63 3.37 10.16
C49 U16 E . -9.04 2.81 10.17
C52 U16 E . -10.02 3.74 10.88
C53 U16 E . -9.18 1.40 10.72
C47 U16 E . -5.60 2.59 11.70
O60 U16 E . -4.58 1.89 11.78
O61 U16 E . -5.82 3.62 12.69
C62 U16 E . -5.27 3.50 14.00
#